data_2OVQ
#
_entry.id   2OVQ
#
_cell.length_a   233.066
_cell.length_b   233.066
_cell.length_c   107.563
_cell.angle_alpha   90.000
_cell.angle_beta   90.000
_cell.angle_gamma   90.000
#
_symmetry.space_group_name_H-M   'I 41 2 2'
#
loop_
_entity.id
_entity.type
_entity.pdbx_description
1 polymer 'S-phase kinase-associated protein 1A'
2 polymer 'F-box/WD repeat protein 7'
3 polymer 'cyclinE C-terminal degron'
4 non-polymer 'SULFATE ION'
5 water water
#
loop_
_entity_poly.entity_id
_entity_poly.type
_entity_poly.pdbx_seq_one_letter_code
_entity_poly.pdbx_strand_id
1 'polypeptide(L)'
;MPSIKLQSSDGEIFEVDVEIAKQSVTIKTMLEDLGMDPVPLPNVNAAILKKVIQWCTHHKDDPGGSGTDDIPVWDQEFLK
VDQGTLFELILAANYLDIKGLLDVTCKTVANMIKGKTPEEIRKTFNIKNDFTEEEEAQVRKENQWCEEK
;
A
2 'polypeptide(L)'
;TQVKHMMQVIEPQFQRDFISLLPKELALYVLSFLEPKDLLQAAQTCRYWRILAEDNLLWREKCKEEGIDEPLHIKRRKVI
KPGFIHSPWKSAYIRQHRIDTNWRRGELKSPKVLKGHDDHVITCLQFCGNRIVSGSDDNTLKVWSAVTGKCLRTLVGHTG
GVWSSQMRDNIIISGSTDRTLKVWNAETGECIHTLYGHTSTVRCMHLHEKRVVSGSRDATLRVWDIETGQCLHVLMGHVA
AVRCVQYDGRRVVSGAYDFMVKVWDPETETCLHTLQGHTNRVYSLQFDGIHVVSGSLDTSIRVWDVETGNCIHTLTGHQS
LTSGMELKDNILVSGNADSTVKIWDIKTGQCLQTLQGPNKHQSAVTCLQFNKNFVITSSDDGTVKLWDLKTGEFIRNLVT
LESGGSGGVVWRIRASNTKLVCAVGSRNGTEETKLLVLDFDVDMK
;
B
3 'polypeptide(L)' LPSGLL(TPO)PPQ(SEP)G C
#
# COMPACT_ATOMS: atom_id res chain seq x y z
N PRO A 2 -6.69 40.67 35.50
CA PRO A 2 -8.09 41.01 35.84
C PRO A 2 -8.86 39.76 36.22
N SER A 3 -10.19 39.87 36.28
CA SER A 3 -11.03 38.74 36.65
C SER A 3 -12.48 38.94 36.25
N ILE A 4 -13.07 37.93 35.62
CA ILE A 4 -14.48 38.02 35.21
C ILE A 4 -15.35 37.06 36.02
N LYS A 5 -16.64 37.35 36.08
CA LYS A 5 -17.57 36.52 36.82
C LYS A 5 -18.58 35.82 35.94
N LEU A 6 -18.80 34.54 36.22
CA LEU A 6 -19.75 33.75 35.45
C LEU A 6 -20.72 32.98 36.37
N GLN A 7 -22.00 33.02 35.99
CA GLN A 7 -23.10 32.40 36.73
C GLN A 7 -23.55 31.06 36.16
N SER A 8 -23.45 30.00 36.97
CA SER A 8 -23.87 28.67 36.52
C SER A 8 -25.39 28.67 36.38
N SER A 9 -25.95 27.54 35.96
CA SER A 9 -27.39 27.41 35.79
C SER A 9 -28.03 27.41 37.18
N ASP A 10 -27.31 26.83 38.14
CA ASP A 10 -27.73 26.72 39.53
C ASP A 10 -28.08 28.08 40.11
N GLY A 11 -27.33 29.10 39.71
CA GLY A 11 -27.54 30.44 40.20
C GLY A 11 -26.33 30.89 40.99
N GLU A 12 -25.31 30.04 41.04
CA GLU A 12 -24.07 30.31 41.76
C GLU A 12 -23.07 31.10 40.92
N ILE A 13 -22.49 32.15 41.50
CA ILE A 13 -21.52 33.00 40.81
C ILE A 13 -20.09 32.53 41.06
N PHE A 14 -19.31 32.48 39.98
CA PHE A 14 -17.91 32.08 40.06
C PHE A 14 -17.00 33.21 39.59
N GLU A 15 -15.91 33.40 40.34
CA GLU A 15 -14.91 34.41 40.01
C GLU A 15 -13.77 33.64 39.39
N VAL A 16 -13.37 34.02 38.19
CA VAL A 16 -12.27 33.33 37.53
C VAL A 16 -11.41 34.28 36.74
N ASP A 17 -10.10 34.09 36.82
CA ASP A 17 -9.17 34.93 36.09
C ASP A 17 -9.44 34.77 34.61
N VAL A 18 -9.66 35.88 33.92
CA VAL A 18 -9.88 35.82 32.49
C VAL A 18 -8.66 35.06 31.97
N GLU A 19 -8.73 34.58 30.73
CA GLU A 19 -7.61 33.82 30.15
C GLU A 19 -7.78 32.37 30.56
N ILE A 20 -8.10 32.13 31.82
CA ILE A 20 -8.34 30.77 32.27
C ILE A 20 -9.74 30.48 31.76
N ALA A 21 -10.62 31.47 31.93
CA ALA A 21 -11.99 31.36 31.50
C ALA A 21 -12.09 31.42 29.99
N LYS A 22 -11.23 32.24 29.37
CA LYS A 22 -11.26 32.38 27.92
C LYS A 22 -10.78 31.12 27.20
N GLN A 23 -10.50 30.07 27.96
CA GLN A 23 -10.10 28.81 27.35
C GLN A 23 -11.37 28.23 26.74
N SER A 24 -12.50 28.75 27.21
CA SER A 24 -13.81 28.35 26.72
C SER A 24 -14.18 29.42 25.70
N VAL A 25 -14.23 29.04 24.43
CA VAL A 25 -14.55 30.03 23.40
C VAL A 25 -15.98 30.54 23.52
N THR A 26 -16.87 29.74 24.10
CA THR A 26 -18.25 30.20 24.29
C THR A 26 -18.21 31.36 25.27
N ILE A 27 -17.53 31.16 26.40
CA ILE A 27 -17.40 32.21 27.42
C ILE A 27 -16.65 33.40 26.82
N LYS A 28 -15.60 33.09 26.07
CA LYS A 28 -14.77 34.10 25.43
C LYS A 28 -15.64 35.00 24.55
N THR A 29 -16.47 34.38 23.72
CA THR A 29 -17.35 35.11 22.80
C THR A 29 -18.29 36.07 23.52
N MET A 30 -18.95 35.60 24.58
CA MET A 30 -19.88 36.43 25.32
C MET A 30 -19.21 37.58 26.05
N LEU A 31 -17.97 37.37 26.49
CA LEU A 31 -17.21 38.40 27.18
C LEU A 31 -16.74 39.51 26.24
N GLU A 32 -16.01 39.12 25.19
CA GLU A 32 -15.46 40.07 24.25
C GLU A 32 -16.43 40.61 23.20
N ASP A 33 -17.44 39.83 22.84
CA ASP A 33 -18.40 40.25 21.82
C ASP A 33 -19.73 40.79 22.33
N LEU A 34 -20.45 39.99 23.09
CA LEU A 34 -21.75 40.42 23.61
C LEU A 34 -21.61 41.28 24.86
N GLY A 35 -20.53 41.07 25.62
CA GLY A 35 -20.30 41.85 26.82
C GLY A 35 -21.23 41.57 27.99
N MET A 36 -21.30 40.31 28.40
CA MET A 36 -22.16 39.91 29.51
C MET A 36 -21.44 40.16 30.84
N ASP A 37 -21.97 41.07 31.66
CA ASP A 37 -21.37 41.39 32.96
C ASP A 37 -21.19 40.06 33.68
N PRO A 38 -22.31 39.40 34.03
CA PRO A 38 -22.14 38.10 34.69
C PRO A 38 -22.42 37.16 33.52
N VAL A 39 -21.55 36.19 33.27
CA VAL A 39 -21.79 35.29 32.15
C VAL A 39 -22.72 34.14 32.50
N PRO A 40 -23.96 34.17 31.99
CA PRO A 40 -24.94 33.12 32.26
C PRO A 40 -24.64 31.82 31.52
N LEU A 41 -24.54 30.72 32.25
CA LEU A 41 -24.25 29.42 31.67
C LEU A 41 -25.36 28.41 31.98
N PRO A 42 -26.54 28.61 31.37
CA PRO A 42 -27.72 27.76 31.55
C PRO A 42 -27.54 26.25 31.45
N ASN A 43 -26.58 25.80 30.65
CA ASN A 43 -26.39 24.36 30.49
C ASN A 43 -25.33 23.76 31.41
N VAL A 44 -24.78 24.55 32.32
CA VAL A 44 -23.76 24.04 33.21
C VAL A 44 -24.09 24.43 34.65
N ASN A 45 -24.15 23.44 35.52
CA ASN A 45 -24.46 23.72 36.92
C ASN A 45 -23.20 23.91 37.76
N ALA A 46 -23.36 24.66 38.85
CA ALA A 46 -22.26 24.94 39.77
C ALA A 46 -21.30 23.78 39.95
N ALA A 47 -21.83 22.58 40.12
CA ALA A 47 -21.01 21.40 40.32
C ALA A 47 -20.03 21.15 39.18
N ILE A 48 -20.56 20.94 37.98
CA ILE A 48 -19.70 20.70 36.84
C ILE A 48 -18.86 21.92 36.49
N LEU A 49 -19.48 23.10 36.45
CA LEU A 49 -18.73 24.31 36.13
C LEU A 49 -17.49 24.39 37.00
N LYS A 50 -17.66 24.10 38.28
CA LYS A 50 -16.57 24.13 39.24
C LYS A 50 -15.45 23.17 38.84
N LYS A 51 -15.83 22.10 38.16
CA LYS A 51 -14.88 21.09 37.71
C LYS A 51 -14.09 21.56 36.48
N VAL A 52 -14.78 22.13 35.50
CA VAL A 52 -14.11 22.59 34.29
C VAL A 52 -13.13 23.70 34.63
N ILE A 53 -13.53 24.59 35.53
CA ILE A 53 -12.67 25.70 35.96
C ILE A 53 -11.38 25.09 36.51
N GLN A 54 -11.52 24.02 37.28
CA GLN A 54 -10.40 23.32 37.87
C GLN A 54 -9.50 22.75 36.78
N TRP A 55 -10.11 22.19 35.75
CA TRP A 55 -9.34 21.61 34.66
C TRP A 55 -8.63 22.70 33.87
N CYS A 56 -9.32 23.80 33.61
CA CYS A 56 -8.74 24.91 32.86
C CYS A 56 -7.59 25.60 33.57
N THR A 57 -7.77 25.89 34.86
CA THR A 57 -6.73 26.57 35.63
C THR A 57 -5.47 25.70 35.70
N HIS A 58 -5.57 24.47 35.21
CA HIS A 58 -4.44 23.55 35.22
C HIS A 58 -3.72 23.57 33.86
N HIS A 59 -4.27 24.29 32.90
CA HIS A 59 -3.67 24.40 31.57
C HIS A 59 -3.53 25.86 31.17
N ASP A 70 -2.96 10.60 23.11
CA ASP A 70 -2.04 10.41 24.22
C ASP A 70 -2.54 11.20 25.44
N ILE A 71 -3.25 10.52 26.34
CA ILE A 71 -3.81 11.15 27.54
C ILE A 71 -2.81 11.44 28.65
N PRO A 72 -2.57 12.72 28.92
CA PRO A 72 -1.63 13.14 29.97
C PRO A 72 -1.92 12.46 31.29
N VAL A 73 -0.89 12.37 32.14
CA VAL A 73 -1.03 11.77 33.45
C VAL A 73 -1.46 12.89 34.41
N TRP A 74 -2.74 12.85 34.77
CA TRP A 74 -3.37 13.81 35.66
C TRP A 74 -4.81 13.91 35.18
N ASP A 75 -4.96 14.23 33.89
CA ASP A 75 -6.27 14.32 33.27
C ASP A 75 -6.84 12.93 33.39
N GLN A 76 -5.94 11.95 33.46
CA GLN A 76 -6.31 10.55 33.58
C GLN A 76 -6.77 10.28 35.00
N GLU A 77 -6.20 11.01 35.95
CA GLU A 77 -6.56 10.88 37.35
C GLU A 77 -7.77 11.78 37.63
N PHE A 78 -7.75 12.97 37.04
CA PHE A 78 -8.81 13.95 37.19
C PHE A 78 -10.13 13.42 36.65
N LEU A 79 -10.07 12.54 35.67
CA LEU A 79 -11.26 11.97 35.08
C LEU A 79 -11.55 10.58 35.62
N LYS A 80 -10.91 10.23 36.73
CA LYS A 80 -11.10 8.93 37.35
C LYS A 80 -12.48 8.90 38.03
N VAL A 81 -13.34 9.84 37.64
CA VAL A 81 -14.68 9.95 38.18
C VAL A 81 -15.59 8.85 37.64
N ASP A 82 -16.87 8.90 38.03
CA ASP A 82 -17.86 7.93 37.58
C ASP A 82 -18.49 8.40 36.27
N GLN A 83 -19.04 7.45 35.52
CA GLN A 83 -19.65 7.74 34.22
C GLN A 83 -20.57 8.96 34.19
N GLY A 84 -21.46 9.06 35.17
CA GLY A 84 -22.35 10.21 35.21
C GLY A 84 -21.63 11.53 35.03
N THR A 85 -20.54 11.69 35.75
CA THR A 85 -19.75 12.91 35.68
C THR A 85 -19.09 13.10 34.31
N LEU A 86 -18.47 12.04 33.83
CA LEU A 86 -17.79 12.07 32.53
C LEU A 86 -18.76 12.57 31.47
N PHE A 87 -19.96 12.00 31.47
CA PHE A 87 -21.03 12.35 30.54
C PHE A 87 -21.30 13.86 30.66
N GLU A 88 -21.26 14.35 31.89
CA GLU A 88 -21.50 15.77 32.18
C GLU A 88 -20.39 16.62 31.58
N LEU A 89 -19.16 16.20 31.79
CA LEU A 89 -18.00 16.91 31.28
C LEU A 89 -17.97 16.98 29.76
N ILE A 90 -18.38 15.89 29.10
CA ILE A 90 -18.43 15.85 27.65
C ILE A 90 -19.29 17.02 27.17
N LEU A 91 -20.47 17.12 27.74
CA LEU A 91 -21.42 18.17 27.37
C LEU A 91 -20.99 19.57 27.77
N ALA A 92 -20.47 19.74 28.99
CA ALA A 92 -20.05 21.06 29.43
C ALA A 92 -18.95 21.55 28.49
N ALA A 93 -18.05 20.64 28.15
CA ALA A 93 -16.94 20.95 27.26
C ALA A 93 -17.47 21.33 25.88
N ASN A 94 -18.39 20.53 25.35
CA ASN A 94 -18.96 20.82 24.04
C ASN A 94 -19.71 22.15 24.07
N TYR A 95 -20.59 22.31 25.06
CA TYR A 95 -21.38 23.52 25.23
C TYR A 95 -20.47 24.74 25.41
N LEU A 96 -19.48 24.61 26.29
CA LEU A 96 -18.52 25.69 26.56
C LEU A 96 -17.50 25.81 25.44
N ASP A 97 -17.39 24.76 24.63
CA ASP A 97 -16.44 24.67 23.53
C ASP A 97 -15.00 24.78 24.02
N ILE A 98 -14.55 23.71 24.65
CA ILE A 98 -13.20 23.62 25.19
C ILE A 98 -12.60 22.36 24.57
N LYS A 99 -12.08 22.53 23.34
CA LYS A 99 -11.47 21.44 22.57
C LYS A 99 -10.59 20.50 23.38
N GLY A 100 -9.76 21.08 24.26
CA GLY A 100 -8.89 20.26 25.07
C GLY A 100 -9.69 19.30 25.93
N LEU A 101 -10.49 19.86 26.82
CA LEU A 101 -11.32 19.07 27.72
C LEU A 101 -12.17 18.06 26.98
N LEU A 102 -12.84 18.51 25.92
CA LEU A 102 -13.68 17.65 25.12
C LEU A 102 -12.95 16.40 24.65
N ASP A 103 -11.77 16.60 24.06
CA ASP A 103 -10.94 15.51 23.54
C ASP A 103 -10.57 14.50 24.58
N VAL A 104 -10.02 15.00 25.67
CA VAL A 104 -9.58 14.17 26.78
C VAL A 104 -10.66 13.29 27.38
N THR A 105 -11.85 13.85 27.57
CA THR A 105 -12.96 13.11 28.15
C THR A 105 -13.54 12.11 27.16
N CYS A 106 -13.75 12.54 25.93
CA CYS A 106 -14.29 11.64 24.92
C CYS A 106 -13.31 10.50 24.69
N LYS A 107 -12.03 10.84 24.74
CA LYS A 107 -10.97 9.84 24.54
C LYS A 107 -11.01 8.85 25.71
N THR A 108 -11.28 9.35 26.90
CA THR A 108 -11.34 8.50 28.08
C THR A 108 -12.46 7.48 27.96
N VAL A 109 -13.53 7.86 27.26
CA VAL A 109 -14.66 6.96 27.06
C VAL A 109 -14.28 5.93 26.01
N ALA A 110 -13.64 6.40 24.94
CA ALA A 110 -13.20 5.52 23.86
C ALA A 110 -12.34 4.40 24.43
N ASN A 111 -11.36 4.78 25.24
CA ASN A 111 -10.45 3.80 25.84
C ASN A 111 -11.21 2.73 26.62
N MET A 112 -12.44 3.04 27.01
CA MET A 112 -13.26 2.09 27.74
C MET A 112 -13.77 0.99 26.80
N ILE A 113 -13.75 1.27 25.50
CA ILE A 113 -14.20 0.32 24.49
C ILE A 113 -13.04 -0.49 23.92
N LYS A 114 -11.91 0.18 23.65
CA LYS A 114 -10.72 -0.49 23.14
C LYS A 114 -10.47 -1.70 24.01
N GLY A 115 -10.72 -2.90 23.50
CA GLY A 115 -10.52 -4.08 24.32
C GLY A 115 -11.28 -5.22 23.71
N LYS A 116 -12.00 -4.91 22.64
CA LYS A 116 -12.74 -5.93 21.90
C LYS A 116 -13.82 -6.62 22.72
N THR A 117 -14.52 -7.53 22.05
CA THR A 117 -15.60 -8.35 22.61
C THR A 117 -16.90 -7.61 22.82
N PRO A 118 -17.91 -7.93 22.01
CA PRO A 118 -19.22 -7.30 22.14
C PRO A 118 -19.76 -7.48 23.56
N GLU A 119 -19.76 -8.72 24.01
CA GLU A 119 -20.26 -9.08 25.33
C GLU A 119 -19.58 -8.29 26.46
N GLU A 120 -18.29 -8.02 26.30
CA GLU A 120 -17.54 -7.30 27.32
C GLU A 120 -17.83 -5.79 27.30
N ILE A 121 -18.08 -5.26 26.12
CA ILE A 121 -18.37 -3.84 25.99
C ILE A 121 -19.70 -3.52 26.65
N ARG A 122 -20.58 -4.51 26.71
CA ARG A 122 -21.88 -4.34 27.32
C ARG A 122 -21.74 -4.25 28.84
N LYS A 123 -21.09 -5.24 29.44
CA LYS A 123 -20.88 -5.24 30.89
C LYS A 123 -20.35 -3.89 31.37
N THR A 124 -19.67 -3.16 30.48
CA THR A 124 -19.10 -1.86 30.83
C THR A 124 -20.08 -0.70 30.65
N PHE A 125 -20.95 -0.80 29.65
CA PHE A 125 -21.93 0.24 29.35
C PHE A 125 -23.36 -0.25 29.56
N ASN A 126 -23.49 -1.41 30.19
CA ASN A 126 -24.78 -2.06 30.42
C ASN A 126 -25.19 -2.60 29.05
N ILE A 127 -26.09 -1.89 28.36
CA ILE A 127 -26.53 -2.31 27.03
C ILE A 127 -27.13 -3.71 26.98
N LYS A 128 -28.28 -3.83 26.34
CA LYS A 128 -28.93 -5.13 26.20
C LYS A 128 -28.78 -5.58 24.76
N ASN A 129 -28.51 -6.87 24.58
CA ASN A 129 -28.35 -7.44 23.25
C ASN A 129 -29.72 -7.54 22.57
N ASP A 130 -30.15 -6.47 21.92
CA ASP A 130 -31.44 -6.45 21.25
C ASP A 130 -31.42 -7.01 19.84
N PHE A 131 -30.50 -7.95 19.58
CA PHE A 131 -30.41 -8.56 18.26
C PHE A 131 -31.15 -9.89 18.25
N THR A 132 -31.91 -10.14 17.17
CA THR A 132 -32.65 -11.38 17.04
C THR A 132 -31.73 -12.46 16.47
N GLU A 133 -32.07 -13.72 16.71
CA GLU A 133 -31.29 -14.87 16.23
C GLU A 133 -30.49 -14.57 14.97
N GLU A 134 -31.18 -14.39 13.86
CA GLU A 134 -30.54 -14.11 12.57
C GLU A 134 -29.75 -12.81 12.54
N GLU A 135 -30.31 -11.74 13.10
CA GLU A 135 -29.63 -10.45 13.11
C GLU A 135 -28.22 -10.52 13.70
N GLU A 136 -28.08 -11.09 14.90
CA GLU A 136 -26.77 -11.17 15.52
C GLU A 136 -25.81 -11.98 14.66
N ALA A 137 -26.28 -13.12 14.16
CA ALA A 137 -25.45 -13.97 13.31
C ALA A 137 -24.93 -13.16 12.13
N GLN A 138 -25.83 -12.41 11.49
CA GLN A 138 -25.48 -11.58 10.35
C GLN A 138 -24.49 -10.48 10.76
N VAL A 139 -24.74 -9.84 11.88
CA VAL A 139 -23.86 -8.78 12.35
C VAL A 139 -22.45 -9.27 12.61
N ARG A 140 -22.32 -10.51 13.08
CA ARG A 140 -21.01 -11.08 13.36
C ARG A 140 -20.28 -11.38 12.04
N LYS A 141 -21.05 -11.75 11.03
CA LYS A 141 -20.52 -12.09 9.72
C LYS A 141 -19.94 -10.85 9.03
N GLU A 142 -20.69 -9.76 9.04
CA GLU A 142 -20.27 -8.52 8.41
C GLU A 142 -19.04 -7.88 9.03
N ASN A 143 -18.99 -7.86 10.35
CA ASN A 143 -17.89 -7.25 11.07
C ASN A 143 -16.84 -8.25 11.56
N GLN A 144 -16.67 -9.33 10.79
CA GLN A 144 -15.70 -10.38 11.08
C GLN A 144 -14.29 -9.81 10.93
N TRP A 145 -13.33 -10.29 11.72
CA TRP A 145 -11.95 -9.77 11.62
C TRP A 145 -10.88 -10.85 11.39
N THR B 1 -27.78 13.07 8.91
CA THR B 1 -28.46 12.33 7.80
C THR B 1 -27.92 10.90 7.73
N GLN B 2 -28.64 10.02 7.06
CA GLN B 2 -28.25 8.62 6.89
C GLN B 2 -28.27 7.87 8.22
N VAL B 3 -27.63 8.43 9.24
CA VAL B 3 -27.62 7.80 10.56
C VAL B 3 -28.92 8.20 11.24
N LYS B 4 -29.43 9.37 10.88
CA LYS B 4 -30.68 9.88 11.41
C LYS B 4 -31.78 9.06 10.78
N HIS B 5 -31.71 8.94 9.47
CA HIS B 5 -32.67 8.19 8.67
C HIS B 5 -32.82 6.76 9.19
N MET B 6 -31.75 6.24 9.78
CA MET B 6 -31.74 4.88 10.32
C MET B 6 -32.45 4.75 11.67
N MET B 7 -32.24 5.75 12.51
CA MET B 7 -32.85 5.77 13.84
C MET B 7 -34.38 5.86 13.75
N GLN B 8 -34.86 6.65 12.79
CA GLN B 8 -36.30 6.86 12.61
C GLN B 8 -37.02 5.80 11.80
N VAL B 9 -36.33 4.72 11.46
CA VAL B 9 -36.94 3.65 10.69
C VAL B 9 -36.81 2.32 11.39
N ILE B 10 -35.72 2.13 12.13
CA ILE B 10 -35.53 0.90 12.85
C ILE B 10 -36.11 1.09 14.26
N GLU B 11 -36.03 2.33 14.75
CA GLU B 11 -36.56 2.68 16.06
C GLU B 11 -35.94 1.93 17.26
N PRO B 12 -34.61 2.07 17.46
CA PRO B 12 -33.96 1.39 18.58
C PRO B 12 -34.18 2.22 19.87
N GLN B 13 -35.21 1.88 20.63
CA GLN B 13 -35.50 2.66 21.84
C GLN B 13 -35.17 2.04 23.19
N PHE B 14 -34.97 2.92 24.16
CA PHE B 14 -34.64 2.58 25.54
C PHE B 14 -33.31 1.87 25.73
N GLN B 15 -32.25 2.65 25.83
CA GLN B 15 -30.93 2.10 26.06
C GLN B 15 -30.37 2.79 27.29
N ARG B 16 -29.89 1.98 28.22
CA ARG B 16 -29.35 2.48 29.47
C ARG B 16 -27.83 2.61 29.37
N ASP B 17 -27.33 3.12 28.25
CA ASP B 17 -25.88 3.25 28.07
C ASP B 17 -25.40 4.65 27.73
N PHE B 18 -24.13 4.89 28.06
CA PHE B 18 -23.45 6.16 27.83
C PHE B 18 -23.55 6.78 26.44
N ILE B 19 -23.19 6.04 25.39
CA ILE B 19 -23.20 6.61 24.05
C ILE B 19 -24.58 6.73 23.42
N SER B 20 -25.51 5.87 23.81
CA SER B 20 -26.85 5.94 23.24
C SER B 20 -27.57 7.20 23.70
N LEU B 21 -27.11 7.75 24.82
CA LEU B 21 -27.73 8.95 25.40
C LEU B 21 -27.07 10.25 24.99
N LEU B 22 -25.82 10.17 24.51
CA LEU B 22 -25.09 11.36 24.09
C LEU B 22 -25.64 11.87 22.77
N PRO B 23 -25.55 13.19 22.55
CA PRO B 23 -26.06 13.72 21.28
C PRO B 23 -25.33 12.95 20.17
N LYS B 24 -26.04 12.61 19.10
CA LYS B 24 -25.45 11.86 17.99
C LYS B 24 -24.00 12.26 17.72
N GLU B 25 -23.78 13.53 17.39
CA GLU B 25 -22.45 14.03 17.07
C GLU B 25 -21.36 13.68 18.07
N LEU B 26 -21.61 13.96 19.35
CA LEU B 26 -20.62 13.65 20.35
C LEU B 26 -20.34 12.15 20.46
N ALA B 27 -21.28 11.32 20.08
CA ALA B 27 -21.03 9.88 20.14
C ALA B 27 -20.07 9.59 19.00
N LEU B 28 -20.25 10.28 17.90
CA LEU B 28 -19.40 10.04 16.76
C LEU B 28 -18.00 10.56 16.99
N TYR B 29 -17.89 11.66 17.70
CA TYR B 29 -16.60 12.23 18.01
C TYR B 29 -15.88 11.20 18.85
N VAL B 30 -16.62 10.56 19.75
CA VAL B 30 -16.04 9.54 20.62
C VAL B 30 -15.60 8.27 19.89
N LEU B 31 -16.51 7.72 19.08
CA LEU B 31 -16.19 6.51 18.32
C LEU B 31 -14.99 6.69 17.38
N SER B 32 -14.72 7.93 17.02
CA SER B 32 -13.63 8.20 16.09
C SER B 32 -12.28 7.87 16.69
N PHE B 33 -12.18 7.93 18.02
CA PHE B 33 -10.93 7.62 18.69
C PHE B 33 -10.61 6.15 18.67
N LEU B 34 -11.51 5.32 18.15
CA LEU B 34 -11.27 3.89 18.10
C LEU B 34 -10.61 3.46 16.79
N GLU B 35 -9.94 2.31 16.82
CA GLU B 35 -9.28 1.79 15.63
C GLU B 35 -10.30 0.87 14.98
N PRO B 36 -10.21 0.70 13.65
CA PRO B 36 -11.15 -0.17 12.92
C PRO B 36 -11.47 -1.49 13.63
N LYS B 37 -10.45 -2.13 14.19
CA LYS B 37 -10.65 -3.41 14.87
C LYS B 37 -11.69 -3.26 15.97
N ASP B 38 -11.72 -2.08 16.58
CA ASP B 38 -12.66 -1.81 17.65
C ASP B 38 -14.03 -1.44 17.13
N LEU B 39 -14.08 -0.47 16.21
CA LEU B 39 -15.34 -0.06 15.62
C LEU B 39 -16.13 -1.29 15.18
N LEU B 40 -15.41 -2.34 14.78
CA LEU B 40 -16.09 -3.54 14.31
C LEU B 40 -16.68 -4.35 15.45
N GLN B 41 -16.07 -4.29 16.62
CA GLN B 41 -16.58 -5.02 17.77
C GLN B 41 -17.74 -4.21 18.36
N ALA B 42 -17.51 -2.90 18.49
CA ALA B 42 -18.50 -1.98 19.03
C ALA B 42 -19.78 -2.08 18.22
N ALA B 43 -19.64 -2.36 16.93
CA ALA B 43 -20.77 -2.46 16.03
C ALA B 43 -21.64 -3.68 16.32
N GLN B 44 -21.11 -4.63 17.09
CA GLN B 44 -21.86 -5.83 17.40
C GLN B 44 -22.51 -5.76 18.78
N THR B 45 -22.36 -4.60 19.42
CA THR B 45 -22.93 -4.36 20.74
C THR B 45 -24.46 -4.43 20.74
N CYS B 46 -25.08 -3.57 19.95
CA CYS B 46 -26.54 -3.51 19.87
C CYS B 46 -26.92 -2.72 18.62
N ARG B 47 -28.18 -2.81 18.22
CA ARG B 47 -28.65 -2.10 17.03
C ARG B 47 -28.33 -0.61 17.02
N TYR B 48 -28.47 0.04 18.17
CA TYR B 48 -28.20 1.46 18.20
C TYR B 48 -26.74 1.69 17.82
N TRP B 49 -25.83 1.03 18.54
CA TRP B 49 -24.39 1.15 18.27
C TRP B 49 -24.07 0.81 16.81
N ARG B 50 -24.54 -0.34 16.34
CA ARG B 50 -24.29 -0.75 14.97
C ARG B 50 -24.56 0.41 14.00
N ILE B 51 -25.72 1.02 14.14
CA ILE B 51 -26.12 2.14 13.28
C ILE B 51 -25.13 3.30 13.37
N LEU B 52 -24.63 3.57 14.56
CA LEU B 52 -23.67 4.65 14.74
C LEU B 52 -22.35 4.33 14.06
N ALA B 53 -21.83 3.13 14.36
CA ALA B 53 -20.56 2.67 13.82
C ALA B 53 -20.56 2.66 12.28
N GLU B 54 -21.73 2.74 11.67
CA GLU B 54 -21.83 2.75 10.21
C GLU B 54 -21.83 4.13 9.60
N ASP B 55 -21.46 5.13 10.40
CA ASP B 55 -21.41 6.48 9.89
C ASP B 55 -20.39 6.53 8.76
N ASN B 56 -20.90 6.70 7.54
CA ASN B 56 -20.06 6.75 6.36
C ASN B 56 -18.80 7.58 6.50
N LEU B 57 -18.92 8.80 7.02
CA LEU B 57 -17.77 9.67 7.16
C LEU B 57 -16.72 9.26 8.20
N LEU B 58 -17.11 8.38 9.12
CA LEU B 58 -16.18 7.89 10.13
C LEU B 58 -15.18 6.96 9.45
N TRP B 59 -15.67 6.25 8.44
CA TRP B 59 -14.83 5.32 7.69
C TRP B 59 -14.06 5.95 6.55
N ARG B 60 -14.66 6.92 5.86
CA ARG B 60 -13.98 7.59 4.76
C ARG B 60 -12.61 8.04 5.25
N GLU B 61 -12.55 8.46 6.51
CA GLU B 61 -11.29 8.91 7.07
C GLU B 61 -10.45 7.72 7.54
N LYS B 62 -11.10 6.58 7.80
CA LYS B 62 -10.35 5.41 8.23
C LYS B 62 -9.79 4.68 7.01
N CYS B 63 -10.33 5.00 5.84
CA CYS B 63 -9.86 4.40 4.60
C CYS B 63 -8.65 5.17 4.10
N LYS B 64 -8.64 6.48 4.36
CA LYS B 64 -7.52 7.32 3.96
C LYS B 64 -6.34 6.85 4.79
N GLU B 65 -6.65 6.25 5.94
CA GLU B 65 -5.66 5.73 6.86
C GLU B 65 -4.90 4.60 6.19
N GLU B 66 -5.62 3.64 5.62
CA GLU B 66 -5.03 2.52 4.92
C GLU B 66 -4.84 2.84 3.44
N GLY B 67 -5.09 4.09 3.07
CA GLY B 67 -4.96 4.50 1.69
C GLY B 67 -5.88 3.74 0.73
N ILE B 68 -7.17 4.02 0.81
CA ILE B 68 -8.15 3.36 -0.05
C ILE B 68 -8.57 4.29 -1.19
N ASP B 69 -8.91 5.53 -0.84
CA ASP B 69 -9.31 6.53 -1.83
C ASP B 69 -10.57 6.21 -2.62
N GLU B 70 -10.95 4.93 -2.66
CA GLU B 70 -12.12 4.53 -3.42
C GLU B 70 -13.06 3.61 -2.64
N PRO B 71 -14.30 4.07 -2.40
CA PRO B 71 -15.30 3.29 -1.67
C PRO B 71 -16.01 2.36 -2.64
N LEU B 72 -16.40 1.17 -2.21
CA LEU B 72 -17.09 0.27 -3.11
C LEU B 72 -18.59 0.26 -2.88
N HIS B 73 -19.34 0.36 -3.97
CA HIS B 73 -20.80 0.35 -3.93
C HIS B 73 -21.20 -1.03 -4.44
N ILE B 74 -21.56 -1.92 -3.51
CA ILE B 74 -21.86 -3.30 -3.85
C ILE B 74 -23.22 -3.79 -4.37
N LYS B 75 -23.34 -5.11 -4.19
CA LYS B 75 -24.47 -5.94 -4.59
C LYS B 75 -25.87 -5.58 -4.13
N ARG B 76 -26.73 -5.33 -5.12
CA ARG B 76 -28.14 -4.97 -4.94
C ARG B 76 -29.02 -6.19 -4.59
N ARG B 77 -30.33 -5.93 -4.42
CA ARG B 77 -31.37 -6.94 -4.23
C ARG B 77 -32.25 -7.27 -3.02
N LYS B 78 -33.37 -7.91 -3.36
CA LYS B 78 -34.43 -8.30 -2.43
C LYS B 78 -33.91 -8.43 -1.02
N VAL B 79 -34.03 -7.29 -0.35
CA VAL B 79 -33.63 -7.03 1.02
C VAL B 79 -34.09 -8.04 2.07
N ILE B 80 -33.36 -8.12 3.17
CA ILE B 80 -33.82 -8.96 4.26
C ILE B 80 -34.67 -7.88 4.91
N LYS B 81 -35.64 -8.26 5.73
CA LYS B 81 -36.56 -7.32 6.38
C LYS B 81 -35.90 -6.00 6.88
N PRO B 82 -36.17 -5.54 8.13
CA PRO B 82 -35.52 -4.29 8.55
C PRO B 82 -34.25 -3.92 7.80
N GLY B 83 -34.37 -2.95 6.90
CA GLY B 83 -33.26 -2.50 6.10
C GLY B 83 -32.09 -1.91 6.88
N PHE B 84 -30.99 -1.71 6.18
CA PHE B 84 -29.80 -1.16 6.79
C PHE B 84 -29.05 -0.38 5.73
N ILE B 85 -28.64 0.85 6.02
CA ILE B 85 -27.90 1.64 5.04
C ILE B 85 -26.40 1.42 5.25
N HIS B 86 -25.84 0.51 4.48
CA HIS B 86 -24.42 0.20 4.58
C HIS B 86 -23.54 1.36 4.14
N SER B 87 -22.35 1.42 4.72
CA SER B 87 -21.40 2.45 4.39
C SER B 87 -20.43 1.96 3.32
N PRO B 88 -20.41 2.62 2.15
CA PRO B 88 -19.52 2.23 1.06
C PRO B 88 -18.05 2.24 1.52
N TRP B 89 -17.70 3.25 2.30
CA TRP B 89 -16.33 3.34 2.80
C TRP B 89 -16.03 2.20 3.76
N LYS B 90 -17.01 1.80 4.55
CA LYS B 90 -16.76 0.72 5.49
C LYS B 90 -16.56 -0.59 4.74
N SER B 91 -17.46 -0.89 3.82
CA SER B 91 -17.34 -2.13 3.06
C SER B 91 -16.03 -2.13 2.26
N ALA B 92 -15.63 -0.93 1.81
CA ALA B 92 -14.40 -0.81 1.06
C ALA B 92 -13.24 -1.18 1.98
N TYR B 93 -13.29 -0.71 3.22
CA TYR B 93 -12.25 -1.01 4.19
C TYR B 93 -12.19 -2.49 4.49
N ILE B 94 -13.36 -3.10 4.67
CA ILE B 94 -13.45 -4.51 4.98
C ILE B 94 -12.96 -5.37 3.82
N ARG B 95 -13.30 -4.97 2.60
CA ARG B 95 -12.89 -5.70 1.42
C ARG B 95 -11.37 -5.88 1.47
N GLN B 96 -10.66 -4.77 1.65
CA GLN B 96 -9.21 -4.78 1.70
C GLN B 96 -8.68 -5.67 2.82
N HIS B 97 -9.31 -5.58 3.99
CA HIS B 97 -8.90 -6.40 5.13
C HIS B 97 -9.02 -7.88 4.78
N ARG B 98 -10.10 -8.25 4.10
CA ARG B 98 -10.30 -9.63 3.73
C ARG B 98 -9.29 -10.05 2.67
N ILE B 99 -9.00 -9.14 1.74
CA ILE B 99 -8.02 -9.42 0.71
C ILE B 99 -6.67 -9.66 1.38
N ASP B 100 -6.26 -8.74 2.26
CA ASP B 100 -5.00 -8.90 2.95
C ASP B 100 -4.98 -10.26 3.64
N THR B 101 -6.08 -10.58 4.30
CA THR B 101 -6.18 -11.85 5.01
C THR B 101 -6.14 -13.01 4.03
N ASN B 102 -6.66 -12.82 2.83
CA ASN B 102 -6.64 -13.90 1.87
C ASN B 102 -5.18 -14.21 1.51
N TRP B 103 -4.39 -13.18 1.19
CA TRP B 103 -2.97 -13.36 0.84
C TRP B 103 -2.21 -14.04 1.98
N ARG B 104 -2.40 -13.51 3.16
CA ARG B 104 -1.72 -13.97 4.36
C ARG B 104 -1.97 -15.42 4.78
N ARG B 105 -3.22 -15.81 4.95
CA ARG B 105 -3.52 -17.17 5.38
C ARG B 105 -4.73 -17.74 4.67
N GLY B 106 -5.19 -17.06 3.64
CA GLY B 106 -6.36 -17.49 2.88
C GLY B 106 -6.53 -18.98 2.71
N GLU B 107 -6.08 -19.51 1.58
CA GLU B 107 -6.20 -20.94 1.27
C GLU B 107 -5.97 -20.96 -0.23
N LEU B 108 -4.75 -21.30 -0.63
CA LEU B 108 -4.41 -21.30 -2.03
C LEU B 108 -5.41 -22.01 -2.95
N LYS B 109 -6.08 -21.24 -3.78
CA LYS B 109 -7.01 -21.79 -4.76
C LYS B 109 -6.12 -22.16 -5.95
N SER B 110 -6.23 -23.39 -6.44
CA SER B 110 -5.38 -23.79 -7.57
C SER B 110 -5.41 -22.72 -8.66
N PRO B 111 -4.24 -22.24 -9.07
CA PRO B 111 -4.12 -21.20 -10.10
C PRO B 111 -4.40 -21.59 -11.53
N LYS B 112 -4.83 -20.61 -12.32
CA LYS B 112 -5.10 -20.81 -13.72
C LYS B 112 -3.73 -21.06 -14.36
N VAL B 113 -3.62 -22.13 -15.11
CA VAL B 113 -2.38 -22.47 -15.76
C VAL B 113 -2.45 -21.99 -17.19
N LEU B 114 -1.46 -21.23 -17.63
CA LEU B 114 -1.43 -20.73 -19.00
C LEU B 114 -0.21 -21.29 -19.71
N LYS B 115 -0.39 -22.37 -20.46
CA LYS B 115 0.69 -23.01 -21.18
C LYS B 115 1.12 -22.18 -22.38
N GLY B 116 2.42 -22.04 -22.57
CA GLY B 116 2.92 -21.27 -23.71
C GLY B 116 4.42 -21.17 -23.68
N HIS B 117 5.02 -20.83 -24.83
CA HIS B 117 6.45 -20.68 -24.94
C HIS B 117 7.20 -21.99 -24.73
N ASP B 118 6.57 -23.09 -25.14
CA ASP B 118 7.13 -24.43 -25.00
C ASP B 118 8.65 -24.52 -25.12
N ASP B 119 9.26 -25.25 -24.19
CA ASP B 119 10.70 -25.47 -24.14
C ASP B 119 11.53 -24.22 -24.30
N HIS B 120 10.95 -23.09 -23.95
CA HIS B 120 11.69 -21.85 -24.03
C HIS B 120 11.53 -21.14 -22.69
N VAL B 121 12.24 -20.04 -22.55
CA VAL B 121 12.25 -19.27 -21.33
C VAL B 121 11.42 -18.00 -21.44
N ILE B 122 10.94 -17.49 -20.31
CA ILE B 122 10.18 -16.25 -20.28
C ILE B 122 11.18 -15.23 -19.73
N THR B 123 11.56 -14.27 -20.56
CA THR B 123 12.55 -13.25 -20.18
C THR B 123 12.00 -12.00 -19.54
N CYS B 124 10.74 -11.68 -19.78
CA CYS B 124 10.14 -10.49 -19.21
C CYS B 124 8.65 -10.71 -19.02
N LEU B 125 8.11 -10.06 -18.00
CA LEU B 125 6.69 -10.20 -17.69
C LEU B 125 6.07 -8.83 -17.43
N GLN B 126 4.84 -8.64 -17.89
CA GLN B 126 4.18 -7.37 -17.69
C GLN B 126 2.74 -7.65 -17.26
N PHE B 127 2.24 -6.90 -16.28
CA PHE B 127 0.88 -7.08 -15.78
C PHE B 127 0.20 -5.72 -15.64
N CYS B 128 -0.85 -5.51 -16.42
CA CYS B 128 -1.56 -4.24 -16.42
C CYS B 128 -3.08 -4.45 -16.48
N GLY B 129 -3.73 -4.19 -15.36
CA GLY B 129 -5.17 -4.36 -15.25
C GLY B 129 -5.83 -5.36 -16.17
N ASN B 130 -5.78 -6.64 -15.82
CA ASN B 130 -6.41 -7.70 -16.63
C ASN B 130 -5.62 -8.28 -17.80
N ARG B 131 -4.60 -7.56 -18.26
CA ARG B 131 -3.79 -8.05 -19.36
C ARG B 131 -2.39 -8.47 -18.88
N ILE B 132 -1.91 -9.62 -19.36
CA ILE B 132 -0.59 -10.12 -19.01
C ILE B 132 0.23 -10.29 -20.29
N VAL B 133 1.46 -9.83 -20.27
CA VAL B 133 2.32 -9.98 -21.44
C VAL B 133 3.60 -10.72 -21.07
N SER B 134 3.82 -11.87 -21.72
CA SER B 134 5.02 -12.66 -21.48
C SER B 134 5.99 -12.49 -22.65
N GLY B 135 7.27 -12.37 -22.35
CA GLY B 135 8.29 -12.22 -23.37
C GLY B 135 9.17 -13.46 -23.34
N SER B 136 9.59 -13.93 -24.51
CA SER B 136 10.40 -15.15 -24.56
C SER B 136 11.55 -15.13 -25.56
N ASP B 137 12.47 -16.09 -25.39
CA ASP B 137 13.59 -16.23 -26.28
C ASP B 137 13.19 -17.11 -27.47
N ASP B 138 11.89 -17.40 -27.58
CA ASP B 138 11.38 -18.18 -28.69
C ASP B 138 11.01 -17.15 -29.78
N ASN B 139 11.42 -15.90 -29.53
CA ASN B 139 11.21 -14.74 -30.41
C ASN B 139 9.81 -14.12 -30.36
N THR B 140 8.97 -14.54 -29.44
CA THR B 140 7.63 -13.99 -29.38
C THR B 140 7.22 -13.44 -28.02
N LEU B 141 6.04 -12.83 -28.00
CA LEU B 141 5.45 -12.29 -26.79
C LEU B 141 4.01 -12.74 -26.89
N LYS B 142 3.38 -12.99 -25.75
CA LYS B 142 1.99 -13.40 -25.80
C LYS B 142 1.18 -12.54 -24.82
N VAL B 143 0.08 -11.98 -25.33
CA VAL B 143 -0.78 -11.16 -24.50
C VAL B 143 -1.81 -12.11 -23.92
N TRP B 144 -1.98 -12.13 -22.60
CA TRP B 144 -2.95 -13.02 -21.97
C TRP B 144 -4.02 -12.27 -21.20
N SER B 145 -5.08 -12.97 -20.82
CA SER B 145 -6.14 -12.38 -20.02
C SER B 145 -6.01 -12.95 -18.62
N ALA B 146 -5.70 -12.09 -17.65
CA ALA B 146 -5.54 -12.54 -16.27
C ALA B 146 -6.89 -13.02 -15.74
N VAL B 147 -7.96 -12.57 -16.39
CA VAL B 147 -9.30 -12.95 -15.96
C VAL B 147 -9.73 -14.35 -16.38
N THR B 148 -9.63 -14.65 -17.67
CA THR B 148 -10.05 -15.97 -18.16
C THR B 148 -8.94 -16.99 -18.06
N GLY B 149 -7.85 -16.72 -18.77
CA GLY B 149 -6.72 -17.62 -18.74
C GLY B 149 -6.10 -17.60 -20.11
N LYS B 150 -6.97 -17.61 -21.11
CA LYS B 150 -6.60 -17.61 -22.53
C LYS B 150 -5.57 -16.63 -23.07
N CYS B 151 -4.89 -17.09 -24.12
CA CYS B 151 -3.92 -16.29 -24.82
C CYS B 151 -4.79 -15.49 -25.77
N LEU B 152 -4.60 -14.18 -25.80
CA LEU B 152 -5.40 -13.34 -26.67
C LEU B 152 -4.70 -13.08 -27.99
N ARG B 153 -3.38 -13.00 -27.93
CA ARG B 153 -2.58 -12.71 -29.11
C ARG B 153 -1.12 -13.13 -28.93
N THR B 154 -0.45 -13.38 -30.04
CA THR B 154 0.96 -13.76 -30.02
C THR B 154 1.66 -12.82 -30.97
N LEU B 155 2.51 -11.96 -30.44
CA LEU B 155 3.21 -10.99 -31.25
C LEU B 155 4.41 -11.60 -31.98
N VAL B 156 4.18 -12.03 -33.23
CA VAL B 156 5.26 -12.60 -34.02
C VAL B 156 5.83 -11.52 -34.93
N GLY B 157 7.15 -11.45 -34.98
CA GLY B 157 7.78 -10.45 -35.81
C GLY B 157 9.28 -10.36 -35.61
N HIS B 158 9.73 -10.51 -34.38
CA HIS B 158 11.16 -10.46 -34.09
C HIS B 158 11.90 -11.67 -34.68
N THR B 159 13.18 -11.48 -35.03
CA THR B 159 13.97 -12.59 -35.59
C THR B 159 15.04 -13.04 -34.61
N GLY B 160 14.89 -12.62 -33.37
CA GLY B 160 15.84 -13.00 -32.33
C GLY B 160 15.01 -13.19 -31.07
N GLY B 161 15.66 -13.48 -29.95
CA GLY B 161 14.89 -13.66 -28.73
C GLY B 161 14.48 -12.33 -28.11
N VAL B 162 13.32 -12.31 -27.47
CA VAL B 162 12.85 -11.10 -26.80
C VAL B 162 13.46 -11.09 -25.40
N TRP B 163 14.02 -9.97 -24.97
CA TRP B 163 14.62 -9.93 -23.65
C TRP B 163 14.20 -8.77 -22.77
N SER B 164 13.52 -7.79 -23.36
CA SER B 164 13.04 -6.65 -22.58
C SER B 164 11.60 -6.33 -22.97
N SER B 165 10.90 -5.68 -22.07
CA SER B 165 9.51 -5.39 -22.31
C SER B 165 9.03 -4.22 -21.47
N GLN B 166 7.93 -3.60 -21.91
CA GLN B 166 7.29 -2.48 -21.22
C GLN B 166 5.88 -2.45 -21.77
N MET B 167 4.96 -1.84 -21.00
CA MET B 167 3.57 -1.76 -21.42
C MET B 167 2.80 -0.66 -20.67
N ARG B 168 1.76 -0.16 -21.31
CA ARG B 168 0.88 0.86 -20.72
C ARG B 168 -0.42 0.74 -21.50
N ASP B 169 -1.42 0.12 -20.88
CA ASP B 169 -2.71 -0.13 -21.52
C ASP B 169 -2.72 -0.01 -23.03
N ASN B 170 -2.66 -1.17 -23.66
CA ASN B 170 -2.68 -1.32 -25.11
C ASN B 170 -1.45 -0.97 -25.93
N ILE B 171 -0.40 -0.47 -25.29
CA ILE B 171 0.83 -0.20 -26.02
C ILE B 171 1.91 -1.07 -25.40
N ILE B 172 2.39 -2.05 -26.18
CA ILE B 172 3.44 -2.94 -25.70
C ILE B 172 4.71 -2.63 -26.48
N ILE B 173 5.85 -2.75 -25.80
CA ILE B 173 7.13 -2.48 -26.43
C ILE B 173 8.06 -3.63 -26.09
N SER B 174 8.75 -4.12 -27.11
CA SER B 174 9.66 -5.24 -26.95
C SER B 174 11.06 -4.90 -27.42
N GLY B 175 12.04 -5.57 -26.84
CA GLY B 175 13.44 -5.37 -27.18
C GLY B 175 14.02 -6.76 -27.46
N SER B 176 14.62 -6.93 -28.63
CA SER B 176 15.15 -8.23 -29.04
C SER B 176 16.64 -8.29 -29.34
N THR B 177 17.13 -9.52 -29.45
CA THR B 177 18.53 -9.77 -29.78
C THR B 177 18.72 -9.40 -31.24
N ASP B 178 17.62 -9.36 -32.00
CA ASP B 178 17.68 -8.99 -33.40
C ASP B 178 18.01 -7.50 -33.54
N ARG B 179 18.42 -6.89 -32.43
CA ARG B 179 18.83 -5.48 -32.39
C ARG B 179 17.76 -4.41 -32.54
N THR B 180 16.50 -4.81 -32.66
CA THR B 180 15.45 -3.82 -32.80
C THR B 180 14.45 -3.82 -31.63
N LEU B 181 13.66 -2.76 -31.54
CA LEU B 181 12.61 -2.66 -30.55
C LEU B 181 11.40 -2.66 -31.43
N LYS B 182 10.28 -3.08 -30.88
CA LYS B 182 9.04 -3.07 -31.65
C LYS B 182 7.88 -2.57 -30.79
N VAL B 183 7.10 -1.65 -31.33
CA VAL B 183 5.94 -1.12 -30.64
C VAL B 183 4.74 -1.88 -31.16
N TRP B 184 3.96 -2.48 -30.27
CA TRP B 184 2.80 -3.26 -30.67
C TRP B 184 1.50 -2.68 -30.15
N ASN B 185 0.40 -3.21 -30.69
CA ASN B 185 -0.95 -2.83 -30.29
C ASN B 185 -1.46 -4.08 -29.59
N ALA B 186 -1.56 -4.03 -28.28
CA ALA B 186 -1.99 -5.19 -27.51
C ALA B 186 -3.31 -5.82 -27.93
N GLU B 187 -4.27 -5.01 -28.35
CA GLU B 187 -5.57 -5.54 -28.73
C GLU B 187 -5.58 -6.27 -30.08
N THR B 188 -5.03 -5.62 -31.10
CA THR B 188 -4.99 -6.18 -32.45
C THR B 188 -3.73 -7.03 -32.65
N GLY B 189 -2.76 -6.82 -31.77
CA GLY B 189 -1.53 -7.58 -31.86
C GLY B 189 -0.73 -7.28 -33.12
N GLU B 190 -0.86 -6.08 -33.66
CA GLU B 190 -0.11 -5.75 -34.86
C GLU B 190 1.09 -4.89 -34.52
N CYS B 191 2.19 -5.08 -35.24
CA CYS B 191 3.37 -4.26 -35.00
C CYS B 191 3.05 -2.93 -35.67
N ILE B 192 3.37 -1.82 -35.01
CA ILE B 192 3.09 -0.51 -35.59
C ILE B 192 4.36 0.30 -35.83
N HIS B 193 5.47 -0.16 -35.25
CA HIS B 193 6.76 0.50 -35.44
C HIS B 193 7.85 -0.54 -35.18
N THR B 194 8.98 -0.34 -35.84
CA THR B 194 10.14 -1.20 -35.67
C THR B 194 11.22 -0.15 -35.54
N LEU B 195 11.96 -0.17 -34.44
CA LEU B 195 12.97 0.85 -34.23
C LEU B 195 14.39 0.40 -34.46
N TYR B 196 15.01 0.96 -35.49
CA TYR B 196 16.37 0.60 -35.81
C TYR B 196 17.31 1.65 -35.27
N GLY B 197 18.51 1.22 -34.86
CA GLY B 197 19.47 2.16 -34.31
C GLY B 197 20.52 1.40 -33.53
N HIS B 198 20.06 0.47 -32.71
CA HIS B 198 20.96 -0.35 -31.93
C HIS B 198 21.53 -1.40 -32.88
N THR B 199 22.81 -1.71 -32.69
CA THR B 199 23.53 -2.67 -33.51
C THR B 199 23.66 -4.03 -32.79
N SER B 200 23.60 -3.98 -31.47
CA SER B 200 23.71 -5.16 -30.62
C SER B 200 22.41 -5.37 -29.83
N THR B 201 22.23 -6.54 -29.22
CA THR B 201 21.03 -6.87 -28.45
C THR B 201 20.45 -5.76 -27.57
N VAL B 202 19.14 -5.60 -27.66
CA VAL B 202 18.44 -4.59 -26.86
C VAL B 202 18.14 -5.26 -25.53
N ARG B 203 18.99 -4.95 -24.55
CA ARG B 203 18.94 -5.55 -23.22
C ARG B 203 17.89 -5.06 -22.25
N CYS B 204 17.74 -3.75 -22.12
CA CYS B 204 16.77 -3.17 -21.20
C CYS B 204 16.03 -1.96 -21.77
N MET B 205 14.93 -1.60 -21.12
CA MET B 205 14.14 -0.45 -21.54
C MET B 205 13.19 0.03 -20.45
N HIS B 206 13.00 1.34 -20.36
CA HIS B 206 12.11 1.92 -19.37
C HIS B 206 11.21 2.92 -20.10
N LEU B 207 9.91 2.77 -19.89
CA LEU B 207 8.92 3.62 -20.54
C LEU B 207 8.32 4.71 -19.67
N HIS B 208 8.31 5.94 -20.16
CA HIS B 208 7.69 7.01 -19.41
C HIS B 208 6.83 7.83 -20.35
N GLU B 209 5.52 7.63 -20.26
CA GLU B 209 4.57 8.36 -21.08
C GLU B 209 4.72 8.03 -22.56
N LYS B 210 5.00 9.03 -23.39
CA LYS B 210 5.12 8.77 -24.81
C LYS B 210 6.57 8.48 -25.29
N ARG B 211 7.49 8.30 -24.36
CA ARG B 211 8.87 8.00 -24.72
C ARG B 211 9.41 6.77 -24.03
N VAL B 212 10.34 6.10 -24.68
CA VAL B 212 10.97 4.90 -24.11
C VAL B 212 12.47 4.96 -24.33
N VAL B 213 13.23 4.56 -23.31
CA VAL B 213 14.67 4.54 -23.43
C VAL B 213 15.11 3.08 -23.41
N SER B 214 16.02 2.73 -24.31
CA SER B 214 16.53 1.37 -24.40
C SER B 214 18.02 1.34 -24.18
N GLY B 215 18.46 0.26 -23.52
CA GLY B 215 19.87 0.05 -23.24
C GLY B 215 20.26 -1.18 -24.04
N SER B 216 21.43 -1.13 -24.68
CA SER B 216 21.88 -2.24 -25.51
C SER B 216 23.28 -2.74 -25.22
N ARG B 217 23.61 -3.90 -25.77
CA ARG B 217 24.94 -4.47 -25.59
C ARG B 217 25.98 -3.71 -26.42
N ASP B 218 25.53 -2.70 -27.16
CA ASP B 218 26.42 -1.87 -27.99
C ASP B 218 26.95 -0.70 -27.17
N ALA B 219 26.67 -0.70 -25.87
CA ALA B 219 27.12 0.35 -24.96
C ALA B 219 26.39 1.69 -25.10
N THR B 220 25.27 1.72 -25.80
CA THR B 220 24.54 2.97 -25.96
C THR B 220 23.09 2.84 -25.53
N LEU B 221 22.42 3.98 -25.44
CA LEU B 221 21.01 4.02 -25.11
C LEU B 221 20.32 4.87 -26.17
N ARG B 222 19.07 4.59 -26.44
CA ARG B 222 18.34 5.37 -27.41
C ARG B 222 16.97 5.73 -26.83
N VAL B 223 16.57 6.98 -27.04
CA VAL B 223 15.28 7.46 -26.56
C VAL B 223 14.37 7.52 -27.78
N TRP B 224 13.24 6.83 -27.74
CA TRP B 224 12.31 6.79 -28.86
C TRP B 224 10.93 7.35 -28.56
N ASP B 225 10.22 7.72 -29.63
CA ASP B 225 8.86 8.24 -29.48
C ASP B 225 7.93 7.09 -29.84
N ILE B 226 7.14 6.65 -28.88
CA ILE B 226 6.22 5.55 -29.08
C ILE B 226 5.13 5.80 -30.11
N GLU B 227 4.89 7.06 -30.41
CA GLU B 227 3.85 7.39 -31.37
C GLU B 227 4.39 7.55 -32.78
N THR B 228 5.39 8.39 -32.95
CA THR B 228 5.98 8.60 -34.27
C THR B 228 6.80 7.39 -34.69
N GLY B 229 7.54 6.84 -33.74
CA GLY B 229 8.38 5.68 -34.03
C GLY B 229 9.78 6.14 -34.37
N GLN B 230 10.07 7.39 -34.04
CA GLN B 230 11.37 7.96 -34.31
C GLN B 230 12.32 7.86 -33.13
N CYS B 231 13.60 7.92 -33.43
CA CYS B 231 14.60 7.89 -32.38
C CYS B 231 14.92 9.35 -32.16
N LEU B 232 14.75 9.81 -30.93
CA LEU B 232 15.00 11.21 -30.61
C LEU B 232 16.43 11.50 -30.19
N HIS B 233 17.00 10.66 -29.32
CA HIS B 233 18.36 10.90 -28.89
C HIS B 233 19.18 9.63 -28.73
N VAL B 234 20.49 9.80 -28.71
CA VAL B 234 21.39 8.68 -28.55
C VAL B 234 22.41 9.03 -27.47
N LEU B 235 22.42 8.25 -26.40
CA LEU B 235 23.35 8.51 -25.30
C LEU B 235 24.57 7.64 -25.46
N MET B 236 25.70 8.28 -25.79
CA MET B 236 26.96 7.56 -25.99
C MET B 236 27.95 7.98 -24.92
N GLY B 237 28.57 7.00 -24.28
CA GLY B 237 29.54 7.29 -23.23
C GLY B 237 29.94 6.04 -22.45
N HIS B 238 29.11 5.00 -22.54
CA HIS B 238 29.40 3.77 -21.83
C HIS B 238 30.39 2.93 -22.61
N VAL B 239 31.29 2.27 -21.90
CA VAL B 239 32.31 1.43 -22.49
C VAL B 239 31.88 -0.02 -22.67
N ALA B 240 30.99 -0.50 -21.80
CA ALA B 240 30.49 -1.87 -21.88
C ALA B 240 28.97 -1.90 -21.97
N ALA B 241 28.42 -3.09 -22.15
CA ALA B 241 26.98 -3.27 -22.26
C ALA B 241 26.17 -2.56 -21.18
N VAL B 242 25.02 -2.02 -21.58
CA VAL B 242 24.10 -1.31 -20.68
C VAL B 242 23.07 -2.36 -20.27
N ARG B 243 23.10 -2.74 -19.00
CA ARG B 243 22.22 -3.80 -18.49
C ARG B 243 20.91 -3.31 -17.91
N CYS B 244 20.93 -2.12 -17.33
CA CYS B 244 19.72 -1.58 -16.73
C CYS B 244 19.56 -0.08 -16.97
N VAL B 245 18.29 0.35 -17.05
CA VAL B 245 17.96 1.74 -17.29
C VAL B 245 16.69 2.23 -16.57
N GLN B 246 16.65 3.52 -16.24
CA GLN B 246 15.48 4.11 -15.61
C GLN B 246 15.28 5.48 -16.25
N TYR B 247 14.04 5.85 -16.49
CA TYR B 247 13.70 7.11 -17.13
C TYR B 247 12.46 7.71 -16.47
N ASP B 248 12.57 8.95 -16.02
CA ASP B 248 11.43 9.60 -15.38
C ASP B 248 10.85 10.75 -16.18
N GLY B 249 11.37 10.96 -17.38
CA GLY B 249 10.91 12.04 -18.23
C GLY B 249 11.80 13.27 -18.10
N ARG B 250 12.64 13.31 -17.08
CA ARG B 250 13.53 14.43 -16.85
C ARG B 250 14.99 14.03 -17.03
N ARG B 251 15.36 12.90 -16.44
CA ARG B 251 16.73 12.39 -16.53
C ARG B 251 16.73 10.92 -16.90
N VAL B 252 17.79 10.47 -17.55
CA VAL B 252 17.91 9.07 -17.86
C VAL B 252 19.05 8.58 -16.97
N VAL B 253 18.86 7.44 -16.34
CA VAL B 253 19.87 6.84 -15.49
C VAL B 253 20.16 5.46 -16.05
N SER B 254 21.44 5.10 -16.09
CA SER B 254 21.82 3.81 -16.65
C SER B 254 22.99 3.14 -15.93
N GLY B 255 22.95 1.81 -15.93
CA GLY B 255 23.99 1.01 -15.30
C GLY B 255 24.53 0.04 -16.34
N ALA B 256 25.85 -0.03 -16.46
CA ALA B 256 26.44 -0.88 -17.48
C ALA B 256 27.52 -1.82 -16.95
N TYR B 257 28.00 -2.70 -17.82
CA TYR B 257 29.04 -3.63 -17.41
C TYR B 257 30.42 -3.00 -17.28
N ASP B 258 30.48 -1.67 -17.20
CA ASP B 258 31.76 -1.01 -17.03
C ASP B 258 31.85 -0.50 -15.60
N PHE B 259 31.00 -1.06 -14.74
CA PHE B 259 30.94 -0.73 -13.32
C PHE B 259 30.48 0.69 -13.11
N MET B 260 29.91 1.28 -14.16
CA MET B 260 29.48 2.67 -14.06
C MET B 260 27.98 2.89 -14.13
N VAL B 261 27.56 3.98 -13.49
CA VAL B 261 26.17 4.42 -13.50
C VAL B 261 26.22 5.84 -14.07
N LYS B 262 25.52 6.08 -15.16
CA LYS B 262 25.53 7.43 -15.75
C LYS B 262 24.15 8.12 -15.75
N VAL B 263 24.15 9.40 -15.37
CA VAL B 263 22.94 10.22 -15.34
C VAL B 263 22.92 11.13 -16.56
N TRP B 264 21.90 11.02 -17.39
CA TRP B 264 21.84 11.85 -18.59
C TRP B 264 20.70 12.84 -18.70
N ASP B 265 20.92 13.88 -19.50
CA ASP B 265 19.86 14.83 -19.81
C ASP B 265 19.64 14.46 -21.27
N PRO B 266 18.59 13.70 -21.58
CA PRO B 266 18.36 13.31 -22.97
C PRO B 266 18.30 14.41 -24.03
N GLU B 267 17.52 15.46 -23.80
CA GLU B 267 17.38 16.54 -24.76
C GLU B 267 18.69 16.94 -25.43
N THR B 268 19.74 17.13 -24.62
CA THR B 268 21.03 17.54 -25.16
C THR B 268 22.05 16.41 -25.29
N GLU B 269 21.56 15.17 -25.30
CA GLU B 269 22.39 13.96 -25.40
C GLU B 269 23.65 14.08 -24.59
N THR B 270 23.54 14.68 -23.41
CA THR B 270 24.71 14.86 -22.55
C THR B 270 24.74 14.09 -21.21
N CYS B 271 25.92 13.61 -20.87
CA CYS B 271 26.11 12.89 -19.63
C CYS B 271 26.42 13.90 -18.54
N LEU B 272 25.47 14.10 -17.65
CA LEU B 272 25.63 15.05 -16.55
C LEU B 272 26.50 14.48 -15.45
N HIS B 273 26.43 13.17 -15.27
CA HIS B 273 27.21 12.52 -14.21
C HIS B 273 27.58 11.10 -14.57
N THR B 274 28.74 10.69 -14.07
CA THR B 274 29.22 9.33 -14.24
C THR B 274 29.46 9.00 -12.78
N LEU B 275 28.68 8.06 -12.25
CA LEU B 275 28.79 7.67 -10.86
C LEU B 275 29.78 6.52 -10.70
N GLN B 276 30.87 6.79 -9.99
CA GLN B 276 31.91 5.80 -9.77
C GLN B 276 31.93 5.29 -8.35
N GLY B 277 32.17 3.99 -8.20
CA GLY B 277 32.21 3.41 -6.88
C GLY B 277 32.15 1.90 -6.94
N HIS B 278 31.21 1.38 -7.72
CA HIS B 278 31.09 -0.06 -7.82
C HIS B 278 32.37 -0.60 -8.45
N THR B 279 32.75 -1.79 -7.99
CA THR B 279 33.96 -2.43 -8.45
C THR B 279 33.68 -3.62 -9.33
N ASN B 280 32.52 -3.63 -9.98
CA ASN B 280 32.15 -4.73 -10.87
C ASN B 280 30.85 -4.37 -11.61
N ARG B 281 30.43 -5.22 -12.54
CA ARG B 281 29.23 -4.96 -13.31
C ARG B 281 28.04 -4.50 -12.48
N VAL B 282 27.29 -3.53 -12.99
CA VAL B 282 26.09 -3.05 -12.30
C VAL B 282 24.91 -3.68 -13.05
N TYR B 283 24.10 -4.46 -12.34
CA TYR B 283 22.99 -5.17 -12.95
C TYR B 283 21.62 -4.53 -12.75
N SER B 284 21.40 -3.91 -11.61
CA SER B 284 20.08 -3.34 -11.35
C SER B 284 20.05 -1.88 -10.95
N LEU B 285 18.94 -1.22 -11.29
CA LEU B 285 18.74 0.19 -11.00
C LEU B 285 17.32 0.51 -10.54
N GLN B 286 17.20 1.63 -9.84
CA GLN B 286 15.91 2.13 -9.36
C GLN B 286 16.15 3.63 -9.28
N PHE B 287 15.11 4.41 -9.53
CA PHE B 287 15.29 5.85 -9.53
C PHE B 287 13.99 6.53 -9.21
N ASP B 288 13.99 7.39 -8.20
CA ASP B 288 12.76 8.08 -7.82
C ASP B 288 12.77 9.57 -8.14
N GLY B 289 13.65 10.01 -9.02
CA GLY B 289 13.70 11.42 -9.35
C GLY B 289 14.68 12.18 -8.45
N ILE B 290 15.01 11.60 -7.31
CA ILE B 290 15.94 12.23 -6.38
C ILE B 290 17.13 11.33 -6.10
N HIS B 291 16.87 10.04 -5.86
CA HIS B 291 17.94 9.09 -5.58
C HIS B 291 18.05 8.05 -6.66
N VAL B 292 19.28 7.74 -7.07
CA VAL B 292 19.44 6.64 -8.02
C VAL B 292 19.99 5.54 -7.14
N VAL B 293 19.48 4.33 -7.31
CA VAL B 293 19.94 3.19 -6.53
C VAL B 293 20.47 2.14 -7.49
N SER B 294 21.70 1.71 -7.27
CA SER B 294 22.32 0.72 -8.14
C SER B 294 22.76 -0.54 -7.40
N GLY B 295 22.57 -1.68 -8.07
CA GLY B 295 22.96 -2.98 -7.52
C GLY B 295 24.02 -3.62 -8.40
N SER B 296 25.11 -4.06 -7.78
CA SER B 296 26.21 -4.65 -8.56
C SER B 296 26.57 -6.10 -8.30
N LEU B 297 27.42 -6.64 -9.18
CA LEU B 297 27.90 -8.01 -9.08
C LEU B 297 28.94 -7.96 -7.98
N ASP B 298 29.27 -6.75 -7.55
CA ASP B 298 30.26 -6.55 -6.50
C ASP B 298 29.70 -6.73 -5.09
N THR B 299 28.42 -7.10 -5.00
CA THR B 299 27.80 -7.33 -3.69
C THR B 299 27.16 -6.11 -3.04
N SER B 300 27.59 -4.92 -3.42
CA SER B 300 27.02 -3.73 -2.81
C SER B 300 25.86 -3.11 -3.58
N ILE B 301 25.15 -2.21 -2.91
CA ILE B 301 24.06 -1.48 -3.51
C ILE B 301 24.40 -0.05 -3.14
N ARG B 302 24.50 0.84 -4.12
CA ARG B 302 24.82 2.22 -3.79
C ARG B 302 23.63 3.14 -4.00
N VAL B 303 23.52 4.11 -3.10
CA VAL B 303 22.46 5.10 -3.15
C VAL B 303 23.11 6.44 -3.48
N TRP B 304 22.71 7.04 -4.60
CA TRP B 304 23.29 8.31 -5.00
C TRP B 304 22.31 9.44 -5.12
N ASP B 305 22.86 10.65 -5.00
CA ASP B 305 22.10 11.87 -5.12
C ASP B 305 22.21 12.27 -6.59
N VAL B 306 21.11 12.15 -7.33
CA VAL B 306 21.09 12.47 -8.75
C VAL B 306 21.57 13.89 -9.09
N GLU B 307 21.31 14.83 -8.19
CA GLU B 307 21.70 16.22 -8.40
C GLU B 307 23.19 16.54 -8.29
N THR B 308 23.89 15.86 -7.39
CA THR B 308 25.31 16.11 -7.20
C THR B 308 26.21 15.00 -7.69
N GLY B 309 25.67 13.80 -7.88
CA GLY B 309 26.49 12.69 -8.30
C GLY B 309 27.18 12.07 -7.11
N ASN B 310 26.96 12.65 -5.93
CA ASN B 310 27.53 12.18 -4.67
C ASN B 310 26.92 10.88 -4.16
N CYS B 311 27.77 9.93 -3.76
CA CYS B 311 27.28 8.67 -3.21
C CYS B 311 26.80 9.01 -1.78
N ILE B 312 25.59 8.59 -1.43
CA ILE B 312 25.02 8.88 -0.12
C ILE B 312 25.13 7.73 0.89
N HIS B 313 25.05 6.50 0.37
CA HIS B 313 25.11 5.30 1.19
C HIS B 313 25.71 4.20 0.35
N THR B 314 26.46 3.32 1.00
CA THR B 314 27.02 2.17 0.34
C THR B 314 26.42 1.05 1.18
N LEU B 315 25.35 0.45 0.67
CA LEU B 315 24.64 -0.61 1.38
C LEU B 315 25.33 -1.95 1.18
N THR B 316 25.90 -2.45 2.27
CA THR B 316 26.63 -3.70 2.28
C THR B 316 25.89 -4.77 3.07
N GLY B 317 26.20 -6.03 2.80
CA GLY B 317 25.55 -7.09 3.54
C GLY B 317 25.21 -8.27 2.67
N HIS B 318 24.81 -8.01 1.43
CA HIS B 318 24.48 -9.11 0.55
C HIS B 318 25.80 -9.80 0.27
N GLN B 319 25.75 -11.00 -0.31
CA GLN B 319 26.97 -11.75 -0.55
C GLN B 319 27.18 -12.09 -1.99
N SER B 320 26.20 -11.80 -2.83
CA SER B 320 26.34 -12.11 -4.24
C SER B 320 25.66 -11.05 -5.10
N LEU B 321 25.28 -11.42 -6.32
CA LEU B 321 24.65 -10.50 -7.27
C LEU B 321 23.26 -10.03 -6.86
N THR B 322 23.06 -8.72 -6.79
CA THR B 322 21.73 -8.20 -6.50
C THR B 322 21.08 -8.08 -7.88
N SER B 323 20.21 -9.03 -8.20
CA SER B 323 19.54 -9.07 -9.50
C SER B 323 18.35 -8.13 -9.65
N GLY B 324 17.55 -8.02 -8.59
CA GLY B 324 16.40 -7.15 -8.66
C GLY B 324 16.22 -6.30 -7.44
N MET B 325 15.67 -5.11 -7.65
CA MET B 325 15.40 -4.19 -6.57
C MET B 325 14.11 -3.47 -6.89
N GLU B 326 13.48 -2.93 -5.86
CA GLU B 326 12.24 -2.18 -6.01
C GLU B 326 12.36 -1.05 -5.02
N LEU B 327 12.07 0.16 -5.47
CA LEU B 327 12.15 1.32 -4.61
C LEU B 327 10.78 1.98 -4.52
N LYS B 328 10.44 2.45 -3.33
CA LYS B 328 9.14 3.08 -3.13
C LYS B 328 9.15 3.86 -1.82
N ASP B 329 8.91 5.16 -1.90
CA ASP B 329 8.88 5.99 -0.69
C ASP B 329 10.14 5.84 0.14
N ASN B 330 11.29 5.79 -0.51
CA ASN B 330 12.55 5.66 0.20
C ASN B 330 12.73 4.32 0.93
N ILE B 331 11.89 3.35 0.59
CA ILE B 331 12.02 2.02 1.13
C ILE B 331 12.45 1.16 -0.05
N LEU B 332 13.56 0.46 0.13
CA LEU B 332 14.13 -0.38 -0.92
C LEU B 332 14.17 -1.86 -0.54
N VAL B 333 13.84 -2.72 -1.50
CA VAL B 333 13.87 -4.15 -1.26
C VAL B 333 14.74 -4.76 -2.34
N SER B 334 15.73 -5.53 -1.94
CA SER B 334 16.66 -6.14 -2.89
C SER B 334 16.65 -7.64 -2.86
N GLY B 335 16.65 -8.23 -4.05
CA GLY B 335 16.66 -9.69 -4.19
C GLY B 335 18.07 -10.03 -4.61
N ASN B 336 18.64 -11.05 -4.00
CA ASN B 336 20.02 -11.40 -4.26
C ASN B 336 20.30 -12.88 -4.51
N ALA B 337 21.30 -13.16 -5.35
CA ALA B 337 21.68 -14.52 -5.68
C ALA B 337 22.12 -15.31 -4.43
N ASP B 338 22.40 -14.60 -3.35
CA ASP B 338 22.79 -15.25 -2.10
C ASP B 338 21.54 -15.84 -1.45
N SER B 339 20.42 -15.81 -2.17
CA SER B 339 19.13 -16.35 -1.74
C SER B 339 18.38 -15.52 -0.70
N THR B 340 18.96 -14.39 -0.34
CA THR B 340 18.39 -13.48 0.64
C THR B 340 17.65 -12.30 -0.01
N VAL B 341 16.79 -11.65 0.76
CA VAL B 341 16.09 -10.45 0.29
C VAL B 341 16.28 -9.46 1.43
N LYS B 342 16.52 -8.20 1.13
CA LYS B 342 16.72 -7.23 2.20
C LYS B 342 15.86 -5.99 2.03
N ILE B 343 15.45 -5.42 3.16
CA ILE B 343 14.60 -4.23 3.15
C ILE B 343 15.41 -3.10 3.77
N TRP B 344 15.57 -2.01 3.04
CA TRP B 344 16.35 -0.87 3.50
C TRP B 344 15.60 0.44 3.51
N ASP B 345 16.09 1.38 4.30
CA ASP B 345 15.55 2.74 4.39
C ASP B 345 16.64 3.54 3.70
N ILE B 346 16.46 3.95 2.44
CA ILE B 346 17.55 4.67 1.77
C ILE B 346 17.79 6.08 2.26
N LYS B 347 17.03 6.51 3.26
CA LYS B 347 17.24 7.83 3.84
C LYS B 347 18.35 7.72 4.89
N THR B 348 18.23 6.72 5.76
CA THR B 348 19.20 6.50 6.84
C THR B 348 20.26 5.46 6.50
N GLY B 349 19.95 4.58 5.55
CA GLY B 349 20.90 3.56 5.19
C GLY B 349 20.75 2.32 6.05
N GLN B 350 19.79 2.35 6.96
CA GLN B 350 19.56 1.20 7.83
C GLN B 350 18.97 0.02 7.09
N CYS B 351 19.41 -1.19 7.44
CA CYS B 351 18.88 -2.39 6.83
C CYS B 351 17.79 -2.85 7.77
N LEU B 352 16.54 -2.49 7.45
CA LEU B 352 15.37 -2.83 8.26
C LEU B 352 15.13 -4.32 8.47
N GLN B 353 15.31 -5.13 7.44
CA GLN B 353 15.08 -6.54 7.60
C GLN B 353 15.84 -7.33 6.58
N THR B 354 16.15 -8.57 6.94
CA THR B 354 16.78 -9.50 6.02
C THR B 354 15.77 -10.67 6.03
N LEU B 355 15.27 -11.05 4.86
CA LEU B 355 14.31 -12.15 4.78
C LEU B 355 15.03 -13.48 4.60
N GLN B 356 15.21 -14.20 5.70
CA GLN B 356 15.90 -15.48 5.68
C GLN B 356 15.18 -16.43 6.62
N GLY B 357 15.93 -17.13 7.48
CA GLY B 357 15.30 -18.05 8.42
C GLY B 357 15.09 -19.48 7.92
N PRO B 358 14.44 -20.32 8.73
CA PRO B 358 14.18 -21.71 8.36
C PRO B 358 13.46 -21.91 7.04
N ASN B 359 12.68 -20.93 6.63
CA ASN B 359 11.94 -21.04 5.38
C ASN B 359 12.46 -20.12 4.29
N LYS B 360 13.73 -19.75 4.38
CA LYS B 360 14.35 -18.88 3.40
C LYS B 360 14.48 -19.62 2.07
N HIS B 361 14.78 -18.90 1.01
CA HIS B 361 14.95 -19.53 -0.29
C HIS B 361 16.22 -20.41 -0.27
N GLN B 362 16.28 -21.39 -1.16
CA GLN B 362 17.44 -22.28 -1.19
C GLN B 362 18.46 -21.88 -2.24
N SER B 363 18.01 -21.12 -3.23
CA SER B 363 18.90 -20.65 -4.27
C SER B 363 18.58 -19.18 -4.53
N ALA B 364 19.19 -18.62 -5.56
CA ALA B 364 18.99 -17.22 -5.89
C ALA B 364 17.55 -16.75 -5.99
N VAL B 365 17.31 -15.52 -5.50
CA VAL B 365 16.00 -14.87 -5.58
C VAL B 365 15.96 -14.29 -7.00
N THR B 366 14.98 -14.70 -7.78
CA THR B 366 14.86 -14.26 -9.16
C THR B 366 13.99 -13.04 -9.38
N CYS B 367 13.10 -12.77 -8.45
CA CYS B 367 12.23 -11.62 -8.61
C CYS B 367 11.53 -11.28 -7.31
N LEU B 368 10.95 -10.08 -7.23
CA LEU B 368 10.25 -9.69 -6.04
C LEU B 368 9.27 -8.54 -6.25
N GLN B 369 8.26 -8.50 -5.39
CA GLN B 369 7.25 -7.46 -5.42
C GLN B 369 6.97 -7.11 -3.96
N PHE B 370 6.51 -5.88 -3.71
CA PHE B 370 6.19 -5.51 -2.35
C PHE B 370 5.24 -4.33 -2.26
N ASN B 371 4.56 -4.26 -1.12
CA ASN B 371 3.60 -3.20 -0.82
C ASN B 371 3.81 -2.87 0.66
N LYS B 372 2.90 -2.10 1.25
CA LYS B 372 3.07 -1.74 2.65
C LYS B 372 2.95 -2.88 3.67
N ASN B 373 2.42 -4.02 3.27
CA ASN B 373 2.24 -5.17 4.17
C ASN B 373 3.16 -6.34 3.90
N PHE B 374 3.35 -6.66 2.62
CA PHE B 374 4.16 -7.82 2.27
C PHE B 374 5.25 -7.64 1.25
N VAL B 375 6.09 -8.67 1.19
CA VAL B 375 7.15 -8.78 0.21
C VAL B 375 6.85 -10.15 -0.41
N ILE B 376 6.88 -10.23 -1.73
CA ILE B 376 6.64 -11.48 -2.45
C ILE B 376 7.94 -11.83 -3.19
N THR B 377 8.49 -13.02 -2.96
CA THR B 377 9.73 -13.41 -3.62
C THR B 377 9.65 -14.70 -4.39
N SER B 378 10.35 -14.76 -5.53
CA SER B 378 10.37 -15.97 -6.35
C SER B 378 11.80 -16.47 -6.40
N SER B 379 11.99 -17.74 -6.69
CA SER B 379 13.33 -18.29 -6.70
C SER B 379 13.49 -19.49 -7.61
N ASP B 380 14.72 -19.94 -7.76
CA ASP B 380 14.99 -21.10 -8.58
C ASP B 380 14.68 -22.35 -7.75
N ASP B 381 14.30 -22.16 -6.48
CA ASP B 381 13.97 -23.30 -5.65
C ASP B 381 12.54 -23.75 -5.96
N GLY B 382 11.89 -23.05 -6.87
CA GLY B 382 10.55 -23.40 -7.28
C GLY B 382 9.41 -22.87 -6.42
N THR B 383 9.72 -21.92 -5.56
CA THR B 383 8.70 -21.36 -4.69
C THR B 383 8.54 -19.86 -4.87
N VAL B 384 7.40 -19.36 -4.41
CA VAL B 384 7.12 -17.94 -4.40
C VAL B 384 6.74 -17.82 -2.93
N LYS B 385 7.44 -16.99 -2.18
CA LYS B 385 7.14 -16.86 -0.77
C LYS B 385 6.49 -15.52 -0.40
N LEU B 386 5.67 -15.54 0.65
CA LEU B 386 5.01 -14.33 1.11
C LEU B 386 5.64 -13.99 2.46
N TRP B 387 6.14 -12.76 2.60
CA TRP B 387 6.76 -12.31 3.85
C TRP B 387 6.08 -11.08 4.42
N ASP B 388 6.17 -10.91 5.73
CA ASP B 388 5.58 -9.73 6.39
C ASP B 388 6.66 -8.65 6.32
N LEU B 389 6.37 -7.54 5.64
CA LEU B 389 7.33 -6.45 5.48
C LEU B 389 7.70 -5.77 6.79
N LYS B 390 6.76 -5.65 7.71
CA LYS B 390 7.03 -4.98 8.97
C LYS B 390 7.87 -5.77 9.97
N THR B 391 7.67 -7.08 10.01
CA THR B 391 8.41 -7.92 10.95
C THR B 391 9.54 -8.66 10.29
N GLY B 392 9.51 -8.72 8.96
CA GLY B 392 10.54 -9.45 8.24
C GLY B 392 10.40 -10.95 8.42
N GLU B 393 9.26 -11.40 8.94
CA GLU B 393 9.05 -12.82 9.15
C GLU B 393 8.40 -13.51 7.97
N PHE B 394 8.71 -14.79 7.83
CA PHE B 394 8.16 -15.60 6.76
C PHE B 394 6.70 -15.89 7.10
N ILE B 395 5.84 -15.84 6.09
CA ILE B 395 4.44 -16.13 6.32
C ILE B 395 4.11 -17.50 5.75
N ARG B 396 4.24 -17.67 4.44
CA ARG B 396 3.92 -18.97 3.82
C ARG B 396 4.45 -19.05 2.38
N ASN B 397 4.35 -20.25 1.79
CA ASN B 397 4.75 -20.51 0.43
C ASN B 397 3.50 -20.42 -0.45
N LEU B 398 3.39 -19.36 -1.24
CA LEU B 398 2.24 -19.18 -2.14
C LEU B 398 2.28 -20.22 -3.27
N VAL B 399 3.49 -20.53 -3.72
CA VAL B 399 3.69 -21.49 -4.78
C VAL B 399 4.81 -22.43 -4.37
N THR B 400 4.63 -23.71 -4.65
CA THR B 400 5.64 -24.70 -4.32
C THR B 400 5.72 -25.72 -5.44
N LEU B 401 6.50 -25.44 -6.46
CA LEU B 401 6.63 -26.38 -7.57
C LEU B 401 7.13 -27.75 -7.10
N GLU B 402 6.46 -28.82 -7.52
CA GLU B 402 6.87 -30.16 -7.12
C GLU B 402 8.23 -30.45 -7.72
N SER B 403 8.51 -29.84 -8.87
CA SER B 403 9.77 -30.04 -9.54
C SER B 403 10.81 -29.01 -9.10
N GLY B 404 10.46 -28.20 -8.11
CA GLY B 404 11.38 -27.18 -7.65
C GLY B 404 12.81 -27.63 -7.43
N GLY B 405 12.99 -28.74 -6.75
CA GLY B 405 14.34 -29.22 -6.48
C GLY B 405 15.02 -29.92 -7.63
N SER B 406 14.32 -30.11 -8.74
CA SER B 406 14.93 -30.80 -9.86
C SER B 406 14.84 -30.07 -11.18
N GLY B 407 14.78 -28.75 -11.13
CA GLY B 407 14.72 -27.97 -12.37
C GLY B 407 13.66 -26.90 -12.40
N GLY B 408 12.51 -27.19 -11.80
CA GLY B 408 11.41 -26.23 -11.78
C GLY B 408 11.86 -24.91 -11.21
N VAL B 409 11.58 -23.83 -11.92
CA VAL B 409 11.98 -22.52 -11.45
C VAL B 409 10.91 -21.45 -11.68
N VAL B 410 10.89 -20.44 -10.82
CA VAL B 410 9.95 -19.32 -10.98
C VAL B 410 10.85 -18.16 -11.37
N TRP B 411 10.77 -17.78 -12.64
CA TRP B 411 11.60 -16.70 -13.15
C TRP B 411 11.17 -15.31 -12.74
N ARG B 412 9.88 -15.03 -12.85
CA ARG B 412 9.38 -13.70 -12.55
C ARG B 412 7.99 -13.68 -11.98
N ILE B 413 7.68 -12.61 -11.27
CA ILE B 413 6.36 -12.41 -10.70
C ILE B 413 5.89 -10.96 -10.82
N ARG B 414 4.58 -10.79 -10.95
CA ARG B 414 3.94 -9.48 -11.04
C ARG B 414 2.74 -9.62 -10.11
N ALA B 415 2.52 -8.64 -9.24
CA ALA B 415 1.40 -8.74 -8.33
C ALA B 415 0.55 -7.49 -8.38
N SER B 416 -0.76 -7.68 -8.35
CA SER B 416 -1.69 -6.57 -8.32
C SER B 416 -2.20 -6.67 -6.89
N ASN B 417 -3.12 -5.81 -6.50
CA ASN B 417 -3.65 -5.88 -5.15
C ASN B 417 -4.39 -7.20 -4.95
N THR B 418 -5.01 -7.66 -6.02
CA THR B 418 -5.82 -8.86 -5.96
C THR B 418 -5.28 -10.18 -6.54
N LYS B 419 -4.22 -10.13 -7.34
CA LYS B 419 -3.68 -11.38 -7.87
C LYS B 419 -2.17 -11.46 -8.14
N LEU B 420 -1.69 -12.68 -8.29
CA LEU B 420 -0.27 -12.91 -8.52
C LEU B 420 -0.02 -13.68 -9.80
N VAL B 421 0.85 -13.15 -10.65
CA VAL B 421 1.20 -13.81 -11.91
C VAL B 421 2.63 -14.30 -11.85
N CYS B 422 2.84 -15.59 -12.09
CA CYS B 422 4.17 -16.19 -12.02
C CYS B 422 4.63 -16.78 -13.34
N ALA B 423 5.87 -16.50 -13.73
CA ALA B 423 6.43 -17.06 -14.96
C ALA B 423 7.23 -18.30 -14.50
N VAL B 424 6.79 -19.47 -14.94
CA VAL B 424 7.42 -20.75 -14.55
C VAL B 424 7.98 -21.56 -15.72
N GLY B 425 8.98 -22.39 -15.42
CA GLY B 425 9.58 -23.21 -16.46
C GLY B 425 10.76 -24.00 -15.94
N SER B 426 11.68 -24.35 -16.83
CA SER B 426 12.87 -25.12 -16.48
C SER B 426 13.82 -25.27 -17.66
N ARG B 427 15.11 -25.40 -17.36
CA ARG B 427 16.13 -25.57 -18.40
C ARG B 427 16.13 -27.01 -18.90
N ASN B 428 15.86 -27.96 -18.01
CA ASN B 428 15.78 -29.35 -18.44
C ASN B 428 14.33 -29.49 -18.83
N GLY B 429 13.75 -30.68 -18.84
CA GLY B 429 12.36 -30.70 -19.24
C GLY B 429 11.38 -30.99 -18.12
N THR B 430 11.81 -30.82 -16.88
CA THR B 430 10.94 -31.13 -15.74
C THR B 430 9.72 -30.24 -15.57
N GLU B 431 9.77 -29.00 -16.06
CA GLU B 431 8.64 -28.08 -15.97
C GLU B 431 8.32 -27.42 -17.31
N GLU B 432 7.10 -27.63 -17.79
CA GLU B 432 6.69 -27.01 -19.05
C GLU B 432 6.63 -25.54 -18.71
N THR B 433 7.06 -24.68 -19.63
CA THR B 433 7.00 -23.27 -19.33
C THR B 433 5.55 -22.78 -19.39
N LYS B 434 5.22 -21.88 -18.47
CA LYS B 434 3.87 -21.36 -18.38
C LYS B 434 3.78 -20.22 -17.38
N LEU B 435 2.61 -19.62 -17.30
CA LEU B 435 2.38 -18.57 -16.33
C LEU B 435 1.36 -19.16 -15.34
N LEU B 436 1.46 -18.77 -14.09
CA LEU B 436 0.54 -19.21 -13.05
C LEU B 436 -0.14 -17.94 -12.59
N VAL B 437 -1.47 -17.96 -12.50
CA VAL B 437 -2.20 -16.79 -12.02
C VAL B 437 -2.97 -17.17 -10.76
N LEU B 438 -2.60 -16.59 -9.62
CA LEU B 438 -3.29 -16.86 -8.36
C LEU B 438 -4.28 -15.73 -8.12
N ASP B 439 -5.44 -16.05 -7.57
CA ASP B 439 -6.46 -15.04 -7.30
C ASP B 439 -6.73 -14.93 -5.80
N PHE B 440 -6.52 -13.74 -5.26
CA PHE B 440 -6.71 -13.51 -3.83
C PHE B 440 -7.89 -12.57 -3.58
N ASP B 441 -8.70 -12.36 -4.61
CA ASP B 441 -9.86 -11.49 -4.47
C ASP B 441 -10.86 -12.13 -3.51
N VAL B 442 -11.76 -11.31 -2.98
CA VAL B 442 -12.77 -11.78 -2.04
C VAL B 442 -14.17 -11.61 -2.60
N ASP B 443 -15.07 -12.47 -2.13
CA ASP B 443 -16.48 -12.47 -2.53
C ASP B 443 -17.25 -11.36 -1.81
N MET B 444 -17.55 -10.29 -2.55
CA MET B 444 -18.29 -9.15 -2.01
C MET B 444 -18.97 -8.38 -3.15
N LEU C 1 27.12 -18.07 -13.80
CA LEU C 1 26.01 -17.18 -13.33
C LEU C 1 25.01 -17.93 -12.45
N PRO C 2 24.65 -17.35 -11.29
CA PRO C 2 23.68 -18.09 -10.47
C PRO C 2 22.52 -18.69 -11.27
N SER C 3 22.08 -19.87 -10.88
CA SER C 3 21.00 -20.58 -11.54
C SER C 3 19.63 -19.94 -11.27
N GLY C 4 18.92 -19.60 -12.34
CA GLY C 4 17.62 -18.97 -12.21
C GLY C 4 17.65 -17.60 -12.87
N LEU C 5 18.86 -17.11 -13.12
CA LEU C 5 19.08 -15.82 -13.77
C LEU C 5 19.45 -16.06 -15.23
N LEU C 6 19.20 -15.08 -16.09
CA LEU C 6 19.48 -15.25 -17.52
C LEU C 6 20.05 -14.01 -18.24
N PRO C 8 20.82 -13.15 -22.87
CA PRO C 8 20.81 -13.66 -24.23
C PRO C 8 22.19 -14.26 -24.46
N PRO C 9 22.27 -15.27 -25.33
CA PRO C 9 23.57 -15.89 -25.60
C PRO C 9 24.43 -14.86 -26.32
N GLN C 10 25.74 -14.95 -26.20
CA GLN C 10 26.63 -14.00 -26.87
C GLN C 10 26.40 -14.00 -28.37
N GLY C 12 28.58 -12.16 -30.64
CA GLY C 12 29.88 -12.21 -31.30
C GLY C 12 31.04 -11.94 -30.34
#